data_4OJ9
#
_entry.id   4OJ9
#
_cell.length_a   54.379
_cell.length_b   65.750
_cell.length_c   69.486
_cell.angle_alpha   90.00
_cell.angle_beta   90.00
_cell.angle_gamma   90.00
#
_symmetry.space_group_name_H-M   'P 21 21 21'
#
loop_
_entity.id
_entity.type
_entity.pdbx_description
1 polymer 'Androgen receptor'
2 polymer 'co-regulator peptide'
3 non-polymer HYDROXYFLUTAMIDE
4 non-polymer 'SULFATE ION'
5 non-polymer GLYCEROL
6 water water
#
loop_
_entity_poly.entity_id
_entity_poly.type
_entity_poly.pdbx_seq_one_letter_code
_entity_poly.pdbx_strand_id
1 'polypeptide(L)'
;QPIFLNVLEAIEPGVVCAGHDNNQPDSFAALLSSLNELGERQLVHVVKWAKALPGFRNLHVDDQMAVIQYSWMGLMVFAM
GWRSFTNVNSAMLYFAPDLVFNEYRMHKSRMYSQCVRMRHLSQEFGWLQITPQEFLCMKALLLFSIIPVDGLKNQKFFDE
LRMNYIKELDRIIACKRKNPTSCSRRFYQLTKLLDSVQPIARELHQFAFDLLIKSHMVSVDFPEMMAEIISVQVPKILSG
KVKPIYFHTQ
;
A
2 'polypeptide(L)' SDSAFSRYYTRS B
#
loop_
_chem_comp.id
_chem_comp.type
_chem_comp.name
_chem_comp.formula
GOL non-polymer GLYCEROL 'C3 H8 O3'
HFT non-polymer HYDROXYFLUTAMIDE 'C11 H11 F3 N2 O4'
SO4 non-polymer 'SULFATE ION' 'O4 S -2'
#
# COMPACT_ATOMS: atom_id res chain seq x y z
N GLN A 1 -20.30 -13.61 -13.56
CA GLN A 1 -21.08 -12.44 -13.06
C GLN A 1 -20.24 -11.40 -12.28
N PRO A 2 -19.18 -11.84 -11.57
CA PRO A 2 -18.39 -10.85 -10.82
C PRO A 2 -17.41 -10.06 -11.71
N ILE A 3 -17.96 -9.27 -12.64
CA ILE A 3 -17.23 -8.48 -13.64
C ILE A 3 -16.11 -7.65 -13.01
N PHE A 4 -16.44 -6.95 -11.93
CA PHE A 4 -15.47 -6.13 -11.19
C PHE A 4 -14.32 -6.96 -10.61
N LEU A 5 -14.68 -8.14 -10.12
CA LEU A 5 -13.80 -8.99 -9.36
C LEU A 5 -12.93 -9.87 -10.25
N ASN A 6 -13.41 -10.14 -11.48
CA ASN A 6 -12.59 -10.78 -12.51
C ASN A 6 -11.38 -9.91 -12.73
N VAL A 7 -11.65 -8.65 -13.08
CA VAL A 7 -10.60 -7.64 -13.30
C VAL A 7 -9.55 -7.62 -12.19
N LEU A 8 -9.99 -7.39 -10.95
CA LEU A 8 -9.08 -7.22 -9.83
C LEU A 8 -8.10 -8.37 -9.65
N GLU A 9 -8.61 -9.59 -9.80
CA GLU A 9 -7.81 -10.82 -9.83
C GLU A 9 -6.99 -10.90 -11.13
N ALA A 10 -7.64 -10.56 -12.25
CA ALA A 10 -7.04 -10.59 -13.58
C ALA A 10 -5.85 -9.64 -13.72
N ILE A 11 -5.87 -8.54 -12.96
CA ILE A 11 -4.83 -7.53 -13.09
C ILE A 11 -3.79 -7.63 -11.97
N GLU A 12 -3.92 -8.66 -11.13
CA GLU A 12 -3.05 -8.83 -9.95
C GLU A 12 -1.57 -9.06 -10.32
N PRO A 13 -0.67 -8.23 -9.74
CA PRO A 13 0.76 -8.31 -10.02
C PRO A 13 1.41 -9.63 -9.64
N GLY A 14 2.57 -9.90 -10.22
CA GLY A 14 3.37 -11.07 -9.85
C GLY A 14 4.12 -10.94 -8.53
N VAL A 15 4.93 -11.96 -8.23
CA VAL A 15 5.73 -11.92 -7.02
C VAL A 15 7.03 -11.20 -7.37
N VAL A 16 7.04 -9.90 -7.14
CA VAL A 16 8.22 -9.09 -7.34
C VAL A 16 9.31 -9.46 -6.33
N CYS A 17 10.55 -9.44 -6.79
CA CYS A 17 11.72 -9.78 -5.97
C CYS A 17 12.62 -8.57 -5.79
N ALA A 18 13.35 -8.53 -4.68
CA ALA A 18 14.28 -7.44 -4.38
C ALA A 18 15.68 -7.64 -4.96
N GLY A 19 16.20 -8.87 -4.89
CA GLY A 19 17.59 -9.15 -5.26
C GLY A 19 18.50 -8.71 -4.12
N HIS A 20 18.40 -9.41 -3.01
CA HIS A 20 19.07 -9.05 -1.76
C HIS A 20 20.13 -10.12 -1.41
N ASP A 21 21.30 -9.69 -0.95
CA ASP A 21 22.40 -10.61 -0.65
C ASP A 21 22.11 -11.37 0.64
N ASN A 22 21.28 -12.41 0.53
CA ASN A 22 20.82 -13.14 1.72
C ASN A 22 21.93 -13.93 2.41
N ASN A 23 23.08 -14.00 1.75
CA ASN A 23 24.27 -14.70 2.25
C ASN A 23 25.16 -13.77 3.08
N GLN A 24 25.02 -12.47 2.83
CA GLN A 24 25.73 -11.45 3.59
C GLN A 24 25.01 -11.24 4.92
N PRO A 25 25.76 -11.33 6.05
CA PRO A 25 25.29 -10.94 7.39
C PRO A 25 24.53 -9.62 7.37
N ASP A 26 23.36 -9.58 8.03
CA ASP A 26 22.47 -8.42 8.03
C ASP A 26 23.10 -7.13 8.51
N SER A 27 22.62 -6.02 7.97
CA SER A 27 23.07 -4.71 8.40
C SER A 27 22.05 -3.71 7.95
N PHE A 28 21.83 -2.68 8.77
CA PHE A 28 20.92 -1.62 8.39
C PHE A 28 21.16 -1.25 6.93
N ALA A 29 22.39 -0.85 6.60
CA ALA A 29 22.69 -0.29 5.27
C ALA A 29 22.37 -1.25 4.13
N ALA A 30 22.61 -2.55 4.37
CA ALA A 30 22.33 -3.59 3.37
C ALA A 30 20.83 -3.81 3.21
N LEU A 31 20.16 -3.84 4.36
CA LEU A 31 18.75 -4.16 4.43
C LEU A 31 17.94 -3.10 3.70
N LEU A 32 18.21 -1.84 4.01
CA LEU A 32 17.38 -0.74 3.51
C LEU A 32 17.63 -0.40 2.04
N SER A 33 18.77 -0.84 1.52
CA SER A 33 19.08 -0.70 0.08
C SER A 33 18.24 -1.67 -0.78
N SER A 34 17.95 -2.85 -0.24
CA SER A 34 17.01 -3.77 -0.88
C SER A 34 15.54 -3.33 -0.71
N LEU A 35 15.21 -2.75 0.44
CA LEU A 35 13.85 -2.29 0.67
C LEU A 35 13.51 -1.09 -0.20
N ASN A 36 14.52 -0.28 -0.51
CA ASN A 36 14.41 0.81 -1.48
C ASN A 36 14.35 0.32 -2.91
N GLU A 37 15.13 -0.70 -3.19
CA GLU A 37 15.01 -1.40 -4.43
C GLU A 37 13.59 -1.96 -4.53
N LEU A 38 13.13 -2.60 -3.46
CA LEU A 38 11.80 -3.24 -3.41
C LEU A 38 10.71 -2.20 -3.67
N GLY A 39 10.77 -1.11 -2.93
CA GLY A 39 9.84 0.00 -3.13
C GLY A 39 9.81 0.39 -4.59
N GLU A 40 10.98 0.57 -5.18
CA GLU A 40 11.10 1.13 -6.52
C GLU A 40 10.57 0.18 -7.57
N ARG A 41 10.83 -1.11 -7.39
CA ARG A 41 10.23 -2.13 -8.27
C ARG A 41 8.70 -2.15 -8.15
N GLN A 42 8.23 -2.30 -6.91
CA GLN A 42 6.81 -2.48 -6.60
C GLN A 42 6.04 -1.28 -7.10
N LEU A 43 6.68 -0.12 -7.04
CA LEU A 43 6.09 1.12 -7.54
C LEU A 43 5.68 0.98 -8.99
N VAL A 44 6.64 0.51 -9.81
CA VAL A 44 6.41 0.21 -11.22
C VAL A 44 5.20 -0.71 -11.37
N HIS A 45 5.21 -1.79 -10.58
CA HIS A 45 4.14 -2.78 -10.58
C HIS A 45 2.81 -2.16 -10.16
N VAL A 46 2.84 -1.31 -9.14
CA VAL A 46 1.67 -0.52 -8.80
C VAL A 46 1.14 0.33 -9.99
N VAL A 47 2.06 1.00 -10.70
CA VAL A 47 1.74 1.86 -11.87
C VAL A 47 0.95 1.11 -12.95
N LYS A 48 1.44 -0.07 -13.29
CA LYS A 48 0.83 -0.85 -14.35
C LYS A 48 -0.48 -1.47 -13.86
N TRP A 49 -0.50 -1.93 -12.61
CA TRP A 49 -1.68 -2.50 -11.96
C TRP A 49 -2.81 -1.49 -11.90
N ALA A 50 -2.46 -0.25 -11.57
CA ALA A 50 -3.42 0.81 -11.29
C ALA A 50 -4.08 1.34 -12.55
N LYS A 51 -3.35 1.30 -13.67
CA LYS A 51 -3.83 1.84 -14.92
C LYS A 51 -4.91 0.94 -15.53
N ALA A 52 -4.89 -0.34 -15.13
CA ALA A 52 -5.88 -1.27 -15.62
C ALA A 52 -7.17 -1.20 -14.82
N LEU A 53 -7.12 -0.56 -13.65
CA LEU A 53 -8.32 -0.42 -12.80
C LEU A 53 -9.55 0.10 -13.53
N PRO A 54 -10.72 -0.49 -13.23
CA PRO A 54 -11.98 -0.05 -13.78
C PRO A 54 -12.24 1.40 -13.40
N GLY A 55 -12.35 2.26 -14.42
CA GLY A 55 -12.65 3.66 -14.24
C GLY A 55 -11.52 4.52 -13.75
N PHE A 56 -10.29 4.02 -13.85
CA PHE A 56 -9.16 4.82 -13.41
C PHE A 56 -8.71 5.81 -14.48
N ARG A 57 -8.76 5.36 -15.74
CA ARG A 57 -8.57 6.23 -16.91
C ARG A 57 -9.49 7.46 -16.93
N ASN A 58 -10.55 7.42 -16.12
CA ASN A 58 -11.49 8.53 -15.92
C ASN A 58 -10.87 9.78 -15.28
N LEU A 59 -10.02 9.56 -14.26
CA LEU A 59 -9.32 10.65 -13.59
C LEU A 59 -8.49 11.46 -14.58
N HIS A 60 -8.30 12.74 -14.27
CA HIS A 60 -7.34 13.58 -14.98
C HIS A 60 -5.89 13.07 -14.78
N VAL A 61 -5.16 12.86 -15.87
CA VAL A 61 -3.82 12.24 -15.85
C VAL A 61 -2.87 12.72 -14.72
N ASP A 62 -3.18 13.86 -14.11
CA ASP A 62 -2.38 14.36 -12.98
C ASP A 62 -2.85 13.74 -11.68
N ASP A 63 -4.18 13.60 -11.55
CA ASP A 63 -4.85 12.86 -10.45
C ASP A 63 -4.46 11.39 -10.49
N GLN A 64 -4.63 10.78 -11.68
CA GLN A 64 -4.15 9.43 -11.96
C GLN A 64 -2.77 9.24 -11.33
N MET A 65 -1.87 10.18 -11.64
CA MET A 65 -0.51 10.17 -11.13
C MET A 65 -0.44 10.45 -9.63
N ALA A 66 -1.14 11.48 -9.20
CA ALA A 66 -1.14 11.90 -7.79
C ALA A 66 -1.59 10.79 -6.83
N VAL A 67 -2.76 10.20 -7.10
CA VAL A 67 -3.29 9.14 -6.23
C VAL A 67 -2.31 7.97 -6.14
N ILE A 68 -1.66 7.67 -7.24
CA ILE A 68 -0.61 6.67 -7.26
C ILE A 68 0.52 7.04 -6.28
N GLN A 69 1.09 8.22 -6.46
CA GLN A 69 2.22 8.64 -5.63
C GLN A 69 1.88 8.77 -4.15
N TYR A 70 0.67 9.24 -3.85
CA TYR A 70 0.23 9.40 -2.47
C TYR A 70 -0.08 8.07 -1.82
N SER A 71 -0.90 7.28 -2.50
CA SER A 71 -1.39 6.02 -1.94
C SER A 71 -0.40 4.87 -2.09
N TRP A 72 0.80 5.14 -2.60
CA TRP A 72 1.72 4.05 -3.00
C TRP A 72 2.28 3.19 -1.86
N MET A 73 2.65 3.84 -0.77
CA MET A 73 3.16 3.14 0.39
C MET A 73 2.08 2.23 0.99
N GLY A 74 0.92 2.81 1.33
CA GLY A 74 -0.20 2.10 1.96
C GLY A 74 -0.56 0.81 1.24
N LEU A 75 -0.51 0.87 -0.09
CA LEU A 75 -0.75 -0.29 -0.92
C LEU A 75 0.33 -1.36 -0.69
N MET A 76 1.60 -0.95 -0.76
CA MET A 76 2.72 -1.83 -0.49
C MET A 76 2.55 -2.50 0.88
N VAL A 77 2.16 -1.70 1.88
CA VAL A 77 1.96 -2.22 3.23
C VAL A 77 0.76 -3.15 3.36
N PHE A 78 -0.33 -2.82 2.68
CA PHE A 78 -1.47 -3.71 2.68
C PHE A 78 -1.10 -5.08 2.11
N ALA A 79 -0.82 -5.13 0.81
CA ALA A 79 -0.49 -6.40 0.14
C ALA A 79 0.57 -7.16 0.92
N MET A 80 1.53 -6.41 1.46
CA MET A 80 2.64 -7.01 2.17
C MET A 80 2.11 -7.91 3.27
N GLY A 81 1.25 -7.33 4.14
CA GLY A 81 0.55 -8.06 5.22
C GLY A 81 -0.20 -9.33 4.77
N TRP A 82 -0.94 -9.21 3.68
CA TRP A 82 -1.51 -10.37 3.07
C TRP A 82 -0.43 -11.42 2.69
N ARG A 83 0.70 -10.99 2.13
CA ARG A 83 1.81 -11.89 1.73
C ARG A 83 2.40 -12.64 2.91
N SER A 84 2.71 -11.92 3.97
CA SER A 84 3.20 -12.52 5.21
C SER A 84 2.13 -13.39 5.88
N PHE A 85 0.87 -13.01 5.72
CA PHE A 85 -0.22 -13.81 6.24
C PHE A 85 -0.36 -15.14 5.47
N THR A 86 -0.41 -15.04 4.15
CA THR A 86 -0.65 -16.22 3.31
C THR A 86 0.60 -17.05 3.03
N ASN A 87 1.79 -16.45 3.11
CA ASN A 87 3.04 -17.21 2.91
C ASN A 87 3.64 -17.77 4.20
N VAL A 88 3.76 -16.90 5.20
CA VAL A 88 4.37 -17.27 6.48
C VAL A 88 3.33 -17.29 7.63
N ASN A 89 2.05 -17.33 7.25
CA ASN A 89 0.94 -17.36 8.21
C ASN A 89 1.02 -16.29 9.32
N SER A 90 1.89 -15.30 9.13
CA SER A 90 2.04 -14.11 10.00
C SER A 90 3.16 -14.21 11.05
N ALA A 91 3.99 -15.25 10.92
CA ALA A 91 5.14 -15.39 11.82
C ALA A 91 6.33 -14.47 11.48
N MET A 92 6.51 -14.19 10.17
CA MET A 92 7.51 -13.22 9.69
C MET A 92 6.95 -12.27 8.62
N LEU A 93 7.81 -11.42 8.04
CA LEU A 93 7.34 -10.41 7.08
C LEU A 93 7.78 -10.67 5.66
N TYR A 94 6.85 -11.21 4.89
CA TYR A 94 7.05 -11.49 3.48
C TYR A 94 6.99 -10.25 2.57
N PHE A 95 8.05 -9.44 2.63
CA PHE A 95 8.21 -8.28 1.73
C PHE A 95 8.26 -8.71 0.26
N ALA A 96 9.24 -9.56 -0.03
CA ALA A 96 9.35 -10.28 -1.27
C ALA A 96 9.85 -11.65 -0.82
N PRO A 97 9.99 -12.61 -1.77
CA PRO A 97 10.53 -13.92 -1.45
C PRO A 97 11.97 -13.82 -0.96
N ASP A 98 12.78 -13.05 -1.67
CA ASP A 98 14.19 -12.87 -1.35
C ASP A 98 14.44 -11.91 -0.16
N LEU A 99 13.37 -11.38 0.41
CA LEU A 99 13.50 -10.44 1.53
C LEU A 99 12.44 -10.62 2.62
N VAL A 100 12.50 -11.75 3.30
CA VAL A 100 11.55 -12.02 4.37
C VAL A 100 12.15 -11.58 5.68
N PHE A 101 11.35 -10.91 6.49
CA PHE A 101 11.88 -10.30 7.69
C PHE A 101 11.58 -11.12 8.94
N ASN A 102 12.64 -11.54 9.61
CA ASN A 102 12.52 -12.09 10.96
C ASN A 102 12.62 -10.97 12.01
N GLU A 103 12.58 -11.33 13.28
CA GLU A 103 12.62 -10.36 14.39
C GLU A 103 13.89 -9.52 14.39
N TYR A 104 15.00 -10.19 14.14
CA TYR A 104 16.32 -9.57 14.22
C TYR A 104 16.61 -8.66 13.02
N ARG A 105 16.12 -9.07 11.84
CA ARG A 105 16.08 -8.19 10.70
C ARG A 105 15.17 -6.98 10.97
N MET A 106 14.00 -7.22 11.57
CA MET A 106 13.05 -6.16 11.95
C MET A 106 13.74 -5.09 12.76
N HIS A 107 14.50 -5.56 13.75
CA HIS A 107 15.27 -4.66 14.60
C HIS A 107 16.49 -4.11 13.87
N LYS A 108 17.18 -4.97 13.12
CA LYS A 108 18.37 -4.57 12.36
C LYS A 108 18.11 -3.49 11.27
N SER A 109 16.91 -3.52 10.69
CA SER A 109 16.43 -2.50 9.74
C SER A 109 16.14 -1.14 10.37
N ARG A 110 15.96 -1.11 11.69
CA ARG A 110 15.57 0.10 12.45
C ARG A 110 14.11 0.51 12.23
N MET A 111 13.29 -0.40 11.71
CA MET A 111 11.89 -0.08 11.53
C MET A 111 11.05 -0.97 12.44
N TYR A 112 11.59 -1.30 13.60
CA TYR A 112 10.96 -2.34 14.44
C TYR A 112 9.51 -2.08 14.85
N SER A 113 9.28 -1.00 15.59
CA SER A 113 7.92 -0.62 15.98
C SER A 113 7.03 -0.68 14.73
N GLN A 114 7.49 0.00 13.67
CA GLN A 114 6.81 0.04 12.39
C GLN A 114 6.44 -1.33 11.84
N CYS A 115 7.32 -2.32 12.07
CA CYS A 115 7.06 -3.70 11.66
C CYS A 115 6.15 -4.42 12.65
N VAL A 116 6.34 -4.10 13.93
CA VAL A 116 5.42 -4.52 14.96
C VAL A 116 4.01 -4.24 14.47
N ARG A 117 3.78 -3.00 14.05
CA ARG A 117 2.50 -2.58 13.51
C ARG A 117 2.04 -3.41 12.31
N MET A 118 2.97 -3.81 11.45
CA MET A 118 2.62 -4.46 10.18
C MET A 118 2.35 -5.93 10.32
N ARG A 119 2.99 -6.54 11.33
CA ARG A 119 2.79 -7.94 11.69
C ARG A 119 1.43 -8.07 12.38
N HIS A 120 1.01 -6.98 13.00
CA HIS A 120 -0.34 -6.92 13.50
C HIS A 120 -1.38 -7.03 12.35
N LEU A 121 -1.33 -6.10 11.40
CA LEU A 121 -2.21 -6.12 10.22
C LEU A 121 -2.15 -7.45 9.47
N SER A 122 -0.97 -8.07 9.44
CA SER A 122 -0.85 -9.40 8.90
C SER A 122 -1.76 -10.35 9.67
N GLN A 123 -1.70 -10.22 11.01
CA GLN A 123 -2.49 -11.04 11.93
C GLN A 123 -3.98 -10.80 11.78
N GLU A 124 -4.35 -9.52 11.65
CA GLU A 124 -5.71 -9.09 11.31
C GLU A 124 -6.33 -9.90 10.14
N PHE A 125 -5.55 -10.14 9.08
CA PHE A 125 -6.08 -10.88 7.93
C PHE A 125 -6.71 -12.20 8.34
N GLY A 126 -6.03 -12.94 9.21
CA GLY A 126 -6.49 -14.23 9.69
C GLY A 126 -7.60 -14.10 10.71
N TRP A 127 -7.28 -13.45 11.82
CA TRP A 127 -8.25 -13.13 12.84
C TRP A 127 -9.62 -12.80 12.24
N LEU A 128 -9.64 -11.90 11.25
CA LEU A 128 -10.89 -11.40 10.69
C LEU A 128 -11.43 -12.26 9.56
N GLN A 129 -10.73 -13.34 9.23
CA GLN A 129 -11.17 -14.26 8.18
C GLN A 129 -11.36 -13.55 6.84
N ILE A 130 -10.41 -12.71 6.47
CA ILE A 130 -10.49 -11.94 5.24
C ILE A 130 -10.42 -12.91 4.08
N THR A 131 -11.35 -12.75 3.15
CA THR A 131 -11.36 -13.56 1.92
C THR A 131 -10.36 -12.97 0.89
N PRO A 132 -9.90 -13.82 -0.07
CA PRO A 132 -9.09 -13.34 -1.19
C PRO A 132 -9.77 -12.20 -1.95
N GLN A 133 -11.07 -12.38 -2.23
CA GLN A 133 -11.90 -11.39 -2.89
C GLN A 133 -12.11 -10.15 -2.01
N GLU A 134 -12.15 -10.37 -0.69
CA GLU A 134 -12.26 -9.29 0.28
C GLU A 134 -10.97 -8.47 0.31
N PHE A 135 -9.84 -9.14 0.12
CA PHE A 135 -8.53 -8.49 0.08
C PHE A 135 -8.43 -7.61 -1.16
N LEU A 136 -8.48 -8.22 -2.34
CA LEU A 136 -8.34 -7.53 -3.61
C LEU A 136 -9.08 -6.20 -3.61
N CYS A 137 -10.37 -6.29 -3.24
CA CYS A 137 -11.33 -5.18 -3.26
C CYS A 137 -11.00 -4.06 -2.25
N MET A 138 -10.62 -4.45 -1.02
CA MET A 138 -10.05 -3.49 -0.09
C MET A 138 -8.81 -2.86 -0.71
N LYS A 139 -7.96 -3.70 -1.31
CA LYS A 139 -6.70 -3.23 -1.89
C LYS A 139 -6.95 -2.11 -2.93
N ALA A 140 -7.93 -2.32 -3.81
CA ALA A 140 -8.31 -1.30 -4.80
C ALA A 140 -8.79 0.00 -4.16
N LEU A 141 -9.69 -0.12 -3.19
CA LEU A 141 -10.21 1.03 -2.46
C LEU A 141 -9.09 1.96 -1.95
N LEU A 142 -7.93 1.40 -1.61
CA LEU A 142 -6.82 2.17 -1.00
C LEU A 142 -6.16 3.23 -1.89
N LEU A 143 -6.20 3.04 -3.22
CA LEU A 143 -5.64 4.02 -4.14
C LEU A 143 -6.46 5.30 -4.10
N PHE A 144 -7.72 5.14 -3.70
CA PHE A 144 -8.68 6.23 -3.63
C PHE A 144 -8.90 6.71 -2.19
N SER A 145 -7.94 6.46 -1.32
CA SER A 145 -8.12 6.68 0.12
C SER A 145 -7.23 7.78 0.71
N ILE A 146 -6.67 8.63 -0.16
CA ILE A 146 -5.72 9.67 0.28
C ILE A 146 -5.62 10.87 -0.68
N ILE A 147 -6.42 11.89 -0.38
CA ILE A 147 -6.55 13.09 -1.21
C ILE A 147 -5.71 14.27 -0.70
N PRO A 148 -5.29 15.17 -1.61
CA PRO A 148 -4.74 16.42 -1.10
C PRO A 148 -5.92 17.28 -0.70
N VAL A 149 -5.84 17.90 0.48
CA VAL A 149 -6.90 18.84 0.92
C VAL A 149 -7.02 20.01 -0.09
N ASP A 150 -5.89 20.38 -0.70
CA ASP A 150 -5.77 21.40 -1.77
C ASP A 150 -6.86 21.29 -2.84
N GLY A 151 -7.24 20.05 -3.17
CA GLY A 151 -8.20 19.76 -4.22
C GLY A 151 -7.52 19.05 -5.37
N LEU A 152 -8.12 17.96 -5.84
CA LEU A 152 -7.69 17.23 -7.05
C LEU A 152 -8.08 17.97 -8.31
N LYS A 153 -7.33 17.79 -9.40
CA LYS A 153 -7.60 18.51 -10.66
C LYS A 153 -8.98 18.23 -11.21
N ASN A 154 -9.50 17.05 -10.92
CA ASN A 154 -10.92 16.74 -11.13
C ASN A 154 -11.48 15.84 -10.03
N GLN A 155 -12.00 16.49 -9.00
CA GLN A 155 -12.47 15.84 -7.80
C GLN A 155 -13.73 15.04 -8.08
N LYS A 156 -14.73 15.69 -8.66
CA LYS A 156 -16.01 15.09 -9.00
C LYS A 156 -15.85 13.64 -9.48
N PHE A 157 -15.04 13.44 -10.52
CA PHE A 157 -14.76 12.11 -11.07
C PHE A 157 -14.21 11.16 -10.02
N PHE A 158 -13.19 11.61 -9.29
CA PHE A 158 -12.61 10.84 -8.20
C PHE A 158 -13.70 10.35 -7.22
N ASP A 159 -14.55 11.28 -6.80
CA ASP A 159 -15.65 11.05 -5.85
C ASP A 159 -16.70 10.02 -6.32
N GLU A 160 -17.16 10.20 -7.56
CA GLU A 160 -17.97 9.23 -8.26
C GLU A 160 -17.24 7.89 -8.19
N LEU A 161 -16.04 7.86 -8.76
CA LEU A 161 -15.25 6.63 -8.85
C LEU A 161 -15.04 5.91 -7.49
N ARG A 162 -14.63 6.66 -6.46
CA ARG A 162 -14.50 6.11 -5.08
C ARG A 162 -15.81 5.53 -4.51
N MET A 163 -16.88 6.32 -4.58
CA MET A 163 -18.21 5.89 -4.14
C MET A 163 -18.60 4.55 -4.76
N ASN A 164 -18.08 4.30 -5.96
CA ASN A 164 -18.36 3.05 -6.66
C ASN A 164 -17.57 1.87 -6.13
N TYR A 165 -16.32 2.13 -5.76
CA TYR A 165 -15.49 1.08 -5.21
C TYR A 165 -16.03 0.53 -3.87
N ILE A 166 -16.71 1.41 -3.14
CA ILE A 166 -17.40 1.08 -1.90
C ILE A 166 -18.63 0.21 -2.18
N LYS A 167 -19.41 0.59 -3.19
CA LYS A 167 -20.50 -0.26 -3.61
C LYS A 167 -19.93 -1.65 -3.76
N GLU A 168 -18.83 -1.74 -4.50
CA GLU A 168 -18.30 -3.02 -4.90
C GLU A 168 -17.86 -3.86 -3.72
N LEU A 169 -17.33 -3.17 -2.70
CA LEU A 169 -16.95 -3.77 -1.43
C LEU A 169 -18.18 -4.26 -0.66
N ASP A 170 -19.21 -3.41 -0.56
CA ASP A 170 -20.56 -3.78 -0.09
C ASP A 170 -20.98 -5.11 -0.67
N ARG A 171 -20.96 -5.16 -2.00
CA ARG A 171 -21.48 -6.27 -2.79
C ARG A 171 -20.73 -7.57 -2.52
N ILE A 172 -19.44 -7.48 -2.26
CA ILE A 172 -18.60 -8.63 -1.90
C ILE A 172 -18.98 -9.21 -0.52
N ILE A 173 -19.39 -8.32 0.38
CA ILE A 173 -19.85 -8.69 1.71
C ILE A 173 -21.30 -9.15 1.64
N ALA A 174 -22.17 -8.32 1.06
CA ALA A 174 -23.62 -8.59 0.96
C ALA A 174 -23.97 -9.89 0.20
N CYS A 175 -22.99 -10.42 -0.54
CA CYS A 175 -23.14 -11.65 -1.30
C CYS A 175 -23.51 -12.85 -0.43
N LYS A 176 -22.50 -13.51 0.15
CA LYS A 176 -22.69 -14.77 0.90
C LYS A 176 -23.10 -14.58 2.38
N ARG A 177 -23.07 -13.33 2.85
CA ARG A 177 -23.42 -13.00 4.25
C ARG A 177 -24.82 -12.39 4.34
N LYS A 178 -25.82 -13.06 3.75
CA LYS A 178 -27.22 -12.61 3.79
C LYS A 178 -27.76 -12.47 5.23
N ASN A 179 -27.86 -11.21 5.69
CA ASN A 179 -28.30 -10.83 7.05
C ASN A 179 -28.04 -9.33 7.30
N PRO A 180 -28.91 -8.64 8.09
CA PRO A 180 -28.69 -7.21 8.38
C PRO A 180 -27.45 -6.88 9.24
N THR A 181 -27.40 -7.43 10.46
CA THR A 181 -26.31 -7.13 11.43
C THR A 181 -25.05 -8.00 11.18
N SER A 182 -25.02 -8.66 10.00
CA SER A 182 -23.87 -9.44 9.52
C SER A 182 -23.06 -8.63 8.51
N CYS A 183 -23.67 -8.33 7.36
CA CYS A 183 -23.12 -7.37 6.40
C CYS A 183 -22.65 -6.13 7.14
N SER A 184 -23.50 -5.65 8.06
CA SER A 184 -23.16 -4.54 8.95
C SER A 184 -21.97 -4.88 9.87
N ARG A 185 -22.02 -6.04 10.54
CA ARG A 185 -20.95 -6.43 11.43
C ARG A 185 -19.65 -6.40 10.63
N ARG A 186 -19.70 -6.99 9.42
CA ARG A 186 -18.49 -7.17 8.60
C ARG A 186 -17.87 -5.87 8.12
N PHE A 187 -18.67 -5.09 7.39
CA PHE A 187 -18.22 -3.81 6.87
C PHE A 187 -17.49 -2.96 7.92
N TYR A 188 -18.05 -2.87 9.12
CA TYR A 188 -17.42 -2.08 10.17
C TYR A 188 -15.96 -2.49 10.28
N GLN A 189 -15.73 -3.76 10.58
CA GLN A 189 -14.40 -4.29 10.81
C GLN A 189 -13.48 -3.99 9.66
N LEU A 190 -13.99 -4.18 8.44
CA LEU A 190 -13.26 -4.01 7.18
C LEU A 190 -12.83 -2.57 6.89
N THR A 191 -13.75 -1.66 7.13
CA THR A 191 -13.45 -0.26 7.14
C THR A 191 -12.52 0.07 8.30
N LYS A 192 -12.72 -0.61 9.43
CA LYS A 192 -11.84 -0.45 10.61
C LYS A 192 -10.46 -1.03 10.37
N LEU A 193 -10.38 -2.04 9.51
CA LEU A 193 -9.11 -2.54 9.08
C LEU A 193 -8.47 -1.52 8.14
N LEU A 194 -9.20 -1.14 7.08
CA LEU A 194 -8.67 -0.20 6.07
C LEU A 194 -8.10 1.13 6.62
N ASP A 195 -8.74 1.64 7.66
CA ASP A 195 -8.31 2.86 8.32
C ASP A 195 -6.97 2.67 9.01
N SER A 196 -6.76 1.47 9.55
CA SER A 196 -5.63 1.20 10.42
C SER A 196 -4.34 1.15 9.62
N VAL A 197 -4.49 0.95 8.32
CA VAL A 197 -3.36 0.96 7.40
C VAL A 197 -2.67 2.33 7.37
N GLN A 198 -3.47 3.39 7.36
CA GLN A 198 -2.94 4.75 7.23
C GLN A 198 -1.83 5.12 8.23
N PRO A 199 -2.08 4.94 9.56
CA PRO A 199 -1.03 5.19 10.60
C PRO A 199 0.28 4.46 10.34
N ILE A 200 0.21 3.23 9.88
CA ILE A 200 1.40 2.49 9.51
C ILE A 200 2.14 3.23 8.39
N ALA A 201 1.39 3.60 7.34
CA ALA A 201 1.95 4.27 6.18
C ALA A 201 2.66 5.58 6.58
N ARG A 202 1.95 6.48 7.24
CA ARG A 202 2.56 7.74 7.68
C ARG A 202 3.82 7.53 8.54
N GLU A 203 3.88 6.44 9.29
CA GLU A 203 5.08 6.15 10.05
C GLU A 203 6.23 5.79 9.12
N LEU A 204 5.93 5.00 8.09
CA LEU A 204 6.96 4.59 7.17
C LEU A 204 7.36 5.79 6.30
N HIS A 205 6.40 6.70 6.12
CA HIS A 205 6.63 7.95 5.42
C HIS A 205 7.63 8.81 6.16
N GLN A 206 7.59 8.73 7.49
CA GLN A 206 8.49 9.49 8.33
C GLN A 206 9.90 8.86 8.34
N PHE A 207 9.96 7.54 8.48
CA PHE A 207 11.23 6.81 8.46
C PHE A 207 11.96 6.97 7.13
N ALA A 208 11.21 6.84 6.05
CA ALA A 208 11.75 6.90 4.70
C ALA A 208 12.43 8.22 4.47
N PHE A 209 11.62 9.27 4.49
CA PHE A 209 12.07 10.65 4.36
C PHE A 209 13.28 10.95 5.25
N ASP A 210 13.20 10.51 6.51
CA ASP A 210 14.30 10.67 7.46
C ASP A 210 15.54 9.99 6.95
N LEU A 211 15.38 8.72 6.63
CA LEU A 211 16.48 7.98 6.09
C LEU A 211 17.01 8.70 4.85
N LEU A 212 16.10 9.14 3.97
CA LEU A 212 16.48 9.80 2.71
C LEU A 212 17.39 10.98 2.95
N ILE A 213 16.98 11.85 3.86
CA ILE A 213 17.80 12.99 4.24
C ILE A 213 19.18 12.50 4.72
N LYS A 214 19.22 11.66 5.75
CA LYS A 214 20.49 11.21 6.31
C LYS A 214 21.21 10.09 5.52
N SER A 215 20.76 9.83 4.29
CA SER A 215 21.33 8.75 3.48
C SER A 215 22.79 8.97 3.09
N HIS A 216 23.19 10.23 2.95
CA HIS A 216 24.58 10.60 2.67
C HIS A 216 25.49 10.03 3.74
N MET A 217 24.90 9.78 4.91
CA MET A 217 25.64 9.47 6.11
C MET A 217 25.47 8.02 6.59
N VAL A 218 24.99 7.13 5.72
CA VAL A 218 24.76 5.74 6.14
C VAL A 218 25.13 4.63 5.13
N SER A 219 25.42 5.02 3.88
CA SER A 219 25.72 4.05 2.81
C SER A 219 24.48 3.30 2.29
N VAL A 220 23.31 3.96 2.32
CA VAL A 220 22.03 3.37 1.85
C VAL A 220 21.48 4.09 0.61
N ASP A 221 21.14 3.31 -0.42
CA ASP A 221 20.92 3.86 -1.76
C ASP A 221 19.45 3.98 -2.22
N PHE A 222 19.06 5.21 -2.53
CA PHE A 222 17.74 5.51 -3.06
C PHE A 222 17.75 5.57 -4.57
N PRO A 223 16.96 4.70 -5.19
CA PRO A 223 16.70 4.73 -6.61
C PRO A 223 16.29 6.09 -7.10
N GLU A 224 16.72 6.41 -8.32
CA GLU A 224 16.39 7.67 -8.96
C GLU A 224 14.95 8.07 -8.68
N MET A 225 14.02 7.15 -8.92
CA MET A 225 12.59 7.45 -8.73
C MET A 225 12.04 7.33 -7.29
N MET A 226 12.59 6.39 -6.50
CA MET A 226 12.31 6.35 -5.07
C MET A 226 12.42 7.75 -4.51
N ALA A 227 13.60 8.35 -4.70
CA ALA A 227 14.00 9.55 -3.99
C ALA A 227 13.28 10.82 -4.41
N GLU A 228 12.75 10.83 -5.64
CA GLU A 228 11.97 11.98 -6.09
C GLU A 228 10.64 12.00 -5.36
N ILE A 229 9.91 10.88 -5.40
CA ILE A 229 8.64 10.72 -4.68
C ILE A 229 8.78 11.10 -3.21
N ILE A 230 9.80 10.54 -2.57
CA ILE A 230 9.99 10.72 -1.14
C ILE A 230 10.28 12.18 -0.75
N SER A 231 10.81 12.94 -1.70
CA SER A 231 11.12 14.36 -1.50
C SER A 231 9.99 15.28 -1.94
N VAL A 232 9.27 14.88 -2.97
CA VAL A 232 8.34 15.78 -3.64
C VAL A 232 6.89 15.60 -3.15
N GLN A 233 6.50 14.35 -2.92
CA GLN A 233 5.12 14.04 -2.56
C GLN A 233 4.95 13.67 -1.08
N VAL A 234 5.92 12.92 -0.54
CA VAL A 234 5.86 12.50 0.86
C VAL A 234 5.75 13.71 1.82
N PRO A 235 6.62 14.73 1.64
CA PRO A 235 6.54 15.93 2.49
C PRO A 235 5.17 16.60 2.46
N LYS A 236 4.42 16.43 1.35
CA LYS A 236 3.04 16.90 1.27
C LYS A 236 2.20 16.19 2.32
N ILE A 237 2.21 14.85 2.28
CA ILE A 237 1.52 14.03 3.28
C ILE A 237 1.95 14.40 4.71
N LEU A 238 3.27 14.43 4.93
CA LEU A 238 3.83 14.69 6.25
C LEU A 238 3.49 16.08 6.74
N SER A 239 3.48 17.07 5.83
CA SER A 239 3.12 18.45 6.18
C SER A 239 1.60 18.60 6.34
N GLY A 240 0.85 17.52 6.10
CA GLY A 240 -0.60 17.52 6.29
C GLY A 240 -1.41 18.13 5.15
N LYS A 241 -0.72 18.53 4.07
CA LYS A 241 -1.35 19.02 2.84
C LYS A 241 -2.14 17.92 2.16
N VAL A 242 -1.66 16.69 2.33
CA VAL A 242 -2.37 15.51 1.86
C VAL A 242 -2.83 14.70 3.08
N LYS A 243 -4.12 14.40 3.13
CA LYS A 243 -4.65 13.57 4.19
C LYS A 243 -5.33 12.30 3.67
N PRO A 244 -5.36 11.23 4.49
CA PRO A 244 -6.12 10.04 4.14
C PRO A 244 -7.61 10.25 4.35
N ILE A 245 -8.43 9.71 3.46
CA ILE A 245 -9.85 9.62 3.74
C ILE A 245 -10.08 8.46 4.71
N TYR A 246 -10.64 8.79 5.86
CA TYR A 246 -10.97 7.80 6.88
C TYR A 246 -12.47 7.54 6.96
N PHE A 247 -12.83 6.27 7.21
CA PHE A 247 -14.22 5.85 7.39
C PHE A 247 -14.80 6.30 8.73
N HIS A 248 -14.00 6.19 9.77
CA HIS A 248 -14.36 6.61 11.10
C HIS A 248 -13.41 7.75 11.43
N THR A 249 -13.68 8.51 12.49
CA THR A 249 -12.80 9.62 12.89
C THR A 249 -11.81 9.17 13.95
N SER B 3 8.39 15.78 -14.09
CA SER B 3 9.17 14.98 -13.08
C SER B 3 9.71 13.67 -13.66
N ALA B 4 10.35 12.87 -12.80
CA ALA B 4 10.81 11.52 -13.18
C ALA B 4 9.67 10.52 -13.14
N PHE B 5 8.73 10.73 -12.21
CA PHE B 5 7.55 9.88 -12.14
C PHE B 5 6.60 10.25 -13.27
N SER B 6 6.31 11.54 -13.40
CA SER B 6 5.35 12.01 -14.40
C SER B 6 5.78 11.65 -15.82
N ARG B 7 7.08 11.62 -16.06
CA ARG B 7 7.60 11.30 -17.39
C ARG B 7 7.87 9.81 -17.66
N TYR B 8 7.95 8.99 -16.62
CA TYR B 8 7.87 7.52 -16.79
C TYR B 8 6.40 7.11 -16.93
N TYR B 9 5.53 7.82 -16.21
CA TYR B 9 4.10 7.56 -16.21
C TYR B 9 3.50 7.76 -17.59
N THR B 10 3.92 8.82 -18.28
CA THR B 10 3.42 9.13 -19.62
C THR B 10 4.52 9.36 -20.62
F1 HFT C . 6.40 -1.41 3.92
C7 HFT C . 6.16 -2.27 2.94
F2 HFT C . 4.99 -1.98 2.40
F3 HFT C . 6.06 -3.50 3.39
C3 HFT C . 7.25 -2.19 1.90
C2 HFT C . 8.16 -1.15 2.01
C4 HFT C . 7.40 -3.17 0.78
N1 HFT C . 6.53 -4.26 0.58
O2 HFT C . 7.03 -5.51 0.17
O1 HFT C . 5.32 -4.15 0.74
C5 HFT C . 8.44 -2.97 -0.13
C6 HFT C . 9.32 -1.91 0.03
C1 HFT C . 9.20 -1.00 1.09
N9 HFT C . 10.11 0.01 1.18
C10 HFT C . 10.18 0.98 2.09
O10 HFT C . 9.53 0.98 3.14
C11 HFT C . 11.13 2.16 1.83
C12 HFT C . 11.32 2.66 0.39
C13 HFT C . 12.10 2.53 2.95
O11 HFT C . 12.16 1.24 1.42
S SO4 D . 24.33 -2.59 11.75
O1 SO4 D . 25.01 -2.55 13.08
O2 SO4 D . 23.09 -1.79 11.54
O3 SO4 D . 25.01 -3.20 10.57
O4 SO4 D . 25.09 -1.38 11.37
C1 GOL E . 18.32 -8.37 -9.90
O1 GOL E . 17.33 -8.98 -9.04
C2 GOL E . 19.04 -7.21 -9.18
O2 GOL E . 19.08 -6.01 -9.99
C3 GOL E . 20.46 -7.60 -8.77
O3 GOL E . 20.67 -7.06 -7.46
#